data_1RZ4
#
_entry.id   1RZ4
#
_cell.length_a   83.074
_cell.length_b   44.671
_cell.length_c   55.524
_cell.angle_alpha   90.00
_cell.angle_beta   90.00
_cell.angle_gamma   90.00
#
_symmetry.space_group_name_H-M   'P 21 21 2'
#
loop_
_entity.id
_entity.type
_entity.pdbx_description
1 polymer 'Eukaryotic translation initiation factor 3 subunit 11'
2 non-polymer 'SULFATE ION'
3 water water
#
_entity_poly.entity_id   1
_entity_poly.type   'polypeptide(L)'
_entity_poly.pdbx_seq_one_letter_code
;MAMFEQ(MSE)RANVGKLLKGIDRYNPENLATLERYVETQAKENAYDLEANLAVLKLYQFNPAFFQTTVTAQILLKALTN
LPHTDFTLCKC(MSE)IDQAHQEERPIRQILYLGDLLETCHFQAFWQALDEN(MSE)DLLEGITGFEDSVRKFICHVVGI
TYQHIDRWLLAE(MSE)LGDLSDSQLKVW(MSE)SKYGWSADESGQIFICSQEESIKPKNIVEKIDFDSVSSI(MSE)AS
SQLEHHHHHH
;
_entity_poly.pdbx_strand_id   A
#
loop_
_chem_comp.id
_chem_comp.type
_chem_comp.name
_chem_comp.formula
SO4 non-polymer 'SULFATE ION' 'O4 S -2'
#
# COMPACT_ATOMS: atom_id res chain seq x y z
N ALA A 2 -21.66 -3.41 3.36
CA ALA A 2 -21.88 -1.96 3.60
C ALA A 2 -21.77 -1.19 2.29
N MET A 3 -21.37 0.08 2.36
CA MET A 3 -21.28 0.90 1.16
C MET A 3 -20.36 0.36 0.05
N PHE A 4 -19.18 -0.14 0.40
CA PHE A 4 -18.27 -0.67 -0.60
C PHE A 4 -18.94 -1.71 -1.50
N GLU A 5 -19.54 -2.72 -0.87
CA GLU A 5 -20.22 -3.79 -1.61
C GLU A 5 -21.37 -3.28 -2.46
N GLN A 6 -22.03 -2.22 -2.00
CA GLN A 6 -23.17 -1.66 -2.72
C GLN A 6 -22.75 -0.89 -3.96
N MSE A 7 -21.56 -0.30 -3.93
CA MSE A 7 -21.05 0.49 -5.06
C MSE A 7 -20.24 -0.34 -6.04
O MSE A 7 -20.09 0.04 -7.20
CB MSE A 7 -20.17 1.63 -4.53
CG MSE A 7 -20.88 2.60 -3.62
SE MSE A 7 -19.71 4.03 -3.13
CE MSE A 7 -19.76 5.03 -4.80
N ARG A 8 -19.75 -1.46 -5.56
CA ARG A 8 -18.92 -2.38 -6.33
C ARG A 8 -19.46 -2.74 -7.73
N ALA A 9 -20.73 -3.12 -7.81
CA ALA A 9 -21.32 -3.50 -9.09
C ALA A 9 -21.29 -2.36 -10.09
N ASN A 10 -21.79 -1.19 -9.68
CA ASN A 10 -21.83 -0.03 -10.56
C ASN A 10 -20.42 0.36 -11.01
N VAL A 11 -19.48 0.42 -10.07
CA VAL A 11 -18.10 0.76 -10.41
C VAL A 11 -17.51 -0.25 -11.40
N GLY A 12 -17.78 -1.54 -11.18
CA GLY A 12 -17.27 -2.56 -12.06
C GLY A 12 -17.78 -2.36 -13.48
N LYS A 13 -19.05 -1.99 -13.60
CA LYS A 13 -19.69 -1.76 -14.89
C LYS A 13 -19.06 -0.53 -15.55
N LEU A 14 -18.83 0.51 -14.75
CA LEU A 14 -18.22 1.74 -15.26
C LEU A 14 -16.85 1.42 -15.85
N LEU A 15 -16.07 0.62 -15.13
CA LEU A 15 -14.72 0.24 -15.56
C LEU A 15 -14.71 -0.66 -16.79
N LYS A 16 -15.82 -1.33 -17.06
CA LYS A 16 -15.90 -2.22 -18.22
C LYS A 16 -16.08 -1.45 -19.52
N GLY A 17 -16.56 -0.21 -19.42
CA GLY A 17 -16.79 0.59 -20.61
C GLY A 17 -16.01 1.89 -20.71
N ILE A 18 -16.40 2.72 -21.66
CA ILE A 18 -15.75 4.00 -21.90
C ILE A 18 -16.16 5.13 -20.98
N ASP A 19 -17.17 4.93 -20.14
CA ASP A 19 -17.59 6.00 -19.25
C ASP A 19 -16.51 6.25 -18.20
N ARG A 20 -15.60 5.29 -18.05
CA ARG A 20 -14.51 5.41 -17.09
C ARG A 20 -13.58 6.56 -17.45
N TYR A 21 -13.77 7.10 -18.66
CA TYR A 21 -12.94 8.22 -19.13
C TYR A 21 -13.67 9.55 -18.97
N ASN A 22 -14.90 9.50 -18.47
CA ASN A 22 -15.69 10.71 -18.26
C ASN A 22 -15.52 11.21 -16.83
N PRO A 23 -14.88 12.37 -16.63
CA PRO A 23 -14.67 12.93 -15.29
C PRO A 23 -15.94 13.21 -14.49
N GLU A 24 -17.08 13.20 -15.15
CA GLU A 24 -18.35 13.43 -14.46
C GLU A 24 -18.57 12.29 -13.48
N ASN A 25 -17.89 11.18 -13.71
CA ASN A 25 -18.02 10.01 -12.83
C ASN A 25 -17.07 10.03 -11.65
N LEU A 26 -16.27 11.08 -11.52
CA LEU A 26 -15.33 11.17 -10.41
C LEU A 26 -16.01 11.20 -9.06
N ALA A 27 -17.08 11.99 -8.93
CA ALA A 27 -17.79 12.07 -7.66
C ALA A 27 -18.11 10.67 -7.12
N THR A 28 -18.56 9.79 -8.01
CA THR A 28 -18.90 8.43 -7.63
C THR A 28 -17.65 7.60 -7.28
N LEU A 29 -16.61 7.73 -8.11
CA LEU A 29 -15.36 7.01 -7.87
C LEU A 29 -14.64 7.47 -6.60
N GLU A 30 -14.72 8.76 -6.28
CA GLU A 30 -14.06 9.28 -5.09
C GLU A 30 -14.74 8.79 -3.80
N ARG A 31 -16.07 8.69 -3.85
CA ARG A 31 -16.78 8.20 -2.68
C ARG A 31 -16.43 6.72 -2.51
N TYR A 32 -16.16 6.06 -3.63
CA TYR A 32 -15.79 4.64 -3.63
C TYR A 32 -14.42 4.49 -2.95
N VAL A 33 -13.51 5.43 -3.21
CA VAL A 33 -12.19 5.39 -2.60
C VAL A 33 -12.33 5.59 -1.10
N GLU A 34 -13.18 6.54 -0.71
CA GLU A 34 -13.41 6.81 0.71
C GLU A 34 -13.92 5.57 1.43
N THR A 35 -14.77 4.80 0.76
CA THR A 35 -15.32 3.60 1.37
C THR A 35 -14.25 2.51 1.48
N GLN A 36 -13.31 2.49 0.54
CA GLN A 36 -12.22 1.52 0.58
C GLN A 36 -11.40 1.77 1.85
N ALA A 37 -11.14 3.05 2.11
CA ALA A 37 -10.36 3.45 3.27
C ALA A 37 -11.03 3.10 4.59
N LYS A 38 -12.29 3.52 4.74
CA LYS A 38 -13.02 3.26 5.98
C LYS A 38 -13.26 1.78 6.27
N GLU A 39 -13.67 1.03 5.25
CA GLU A 39 -13.96 -0.40 5.42
C GLU A 39 -12.76 -1.30 5.21
N ASN A 40 -11.63 -0.70 4.84
CA ASN A 40 -10.41 -1.44 4.55
C ASN A 40 -10.70 -2.42 3.43
N ALA A 41 -11.34 -1.89 2.39
CA ALA A 41 -11.66 -2.66 1.19
C ALA A 41 -10.68 -2.15 0.15
N TYR A 42 -10.63 -2.77 -1.02
CA TYR A 42 -9.68 -2.33 -2.03
C TYR A 42 -10.10 -2.64 -3.46
N ASP A 43 -9.74 -1.75 -4.39
CA ASP A 43 -10.04 -1.93 -5.81
C ASP A 43 -9.01 -1.15 -6.60
N LEU A 44 -7.88 -1.79 -6.92
CA LEU A 44 -6.80 -1.16 -7.68
C LEU A 44 -7.24 -0.57 -9.01
N GLU A 45 -7.95 -1.37 -9.81
CA GLU A 45 -8.41 -0.90 -11.13
C GLU A 45 -9.15 0.42 -11.04
N ALA A 46 -10.07 0.53 -10.09
CA ALA A 46 -10.85 1.76 -9.91
C ALA A 46 -9.94 2.92 -9.51
N ASN A 47 -9.00 2.67 -8.61
CA ASN A 47 -8.08 3.71 -8.15
C ASN A 47 -7.16 4.22 -9.26
N LEU A 48 -6.72 3.32 -10.14
CA LEU A 48 -5.86 3.71 -11.25
C LEU A 48 -6.69 4.53 -12.25
N ALA A 49 -7.97 4.16 -12.38
CA ALA A 49 -8.87 4.87 -13.29
C ALA A 49 -9.06 6.30 -12.79
N VAL A 50 -9.08 6.45 -11.46
CA VAL A 50 -9.24 7.77 -10.85
C VAL A 50 -8.00 8.60 -11.14
N LEU A 51 -6.83 8.04 -10.91
CA LEU A 51 -5.58 8.75 -11.17
C LEU A 51 -5.51 9.15 -12.63
N LYS A 52 -5.94 8.25 -13.51
CA LYS A 52 -5.92 8.54 -14.94
C LYS A 52 -6.84 9.71 -15.24
N LEU A 53 -8.03 9.73 -14.64
CA LEU A 53 -8.95 10.83 -14.86
C LEU A 53 -8.32 12.16 -14.40
N TYR A 54 -7.57 12.13 -13.30
CA TYR A 54 -6.92 13.35 -12.81
C TYR A 54 -5.83 13.83 -13.78
N GLN A 55 -5.03 12.89 -14.28
CA GLN A 55 -3.96 13.24 -15.21
C GLN A 55 -4.52 13.83 -16.49
N PHE A 56 -5.62 13.28 -16.98
CA PHE A 56 -6.26 13.75 -18.21
C PHE A 56 -7.12 15.00 -18.02
N ASN A 57 -7.62 15.21 -16.81
CA ASN A 57 -8.47 16.37 -16.50
C ASN A 57 -7.90 17.02 -15.23
N PRO A 58 -6.73 17.67 -15.35
CA PRO A 58 -6.01 18.34 -14.26
C PRO A 58 -6.82 19.15 -13.25
N ALA A 59 -7.85 19.84 -13.71
CA ALA A 59 -8.68 20.66 -12.82
C ALA A 59 -9.40 19.83 -11.76
N PHE A 60 -9.54 18.53 -12.00
CA PHE A 60 -10.24 17.66 -11.05
C PHE A 60 -9.30 17.04 -10.01
N PHE A 61 -7.99 17.18 -10.22
CA PHE A 61 -7.02 16.60 -9.29
C PHE A 61 -7.48 16.82 -7.85
N GLN A 62 -7.59 15.73 -7.10
CA GLN A 62 -8.02 15.81 -5.71
C GLN A 62 -6.88 15.32 -4.84
N THR A 63 -6.36 16.19 -3.99
CA THR A 63 -5.23 15.84 -3.14
C THR A 63 -5.48 14.70 -2.16
N THR A 64 -6.60 14.78 -1.44
CA THR A 64 -6.92 13.75 -0.48
C THR A 64 -7.14 12.38 -1.12
N VAL A 65 -7.95 12.32 -2.17
CA VAL A 65 -8.21 11.07 -2.83
C VAL A 65 -6.91 10.49 -3.41
N THR A 66 -6.06 11.33 -3.99
CA THR A 66 -4.79 10.85 -4.54
C THR A 66 -3.91 10.28 -3.44
N ALA A 67 -3.85 10.98 -2.31
CA ALA A 67 -3.05 10.53 -1.17
C ALA A 67 -3.56 9.19 -0.62
N GLN A 68 -4.89 9.03 -0.56
CA GLN A 68 -5.46 7.80 -0.05
C GLN A 68 -5.20 6.65 -1.00
N ILE A 69 -5.25 6.93 -2.30
CA ILE A 69 -4.99 5.91 -3.31
C ILE A 69 -3.56 5.41 -3.16
N LEU A 70 -2.63 6.34 -3.01
CA LEU A 70 -1.22 5.99 -2.84
C LEU A 70 -0.97 5.22 -1.55
N LEU A 71 -1.59 5.68 -0.46
CA LEU A 71 -1.41 5.00 0.82
C LEU A 71 -1.98 3.58 0.78
N LYS A 72 -3.15 3.42 0.17
CA LYS A 72 -3.76 2.10 0.07
C LYS A 72 -2.89 1.22 -0.82
N ALA A 73 -2.29 1.81 -1.86
CA ALA A 73 -1.42 1.05 -2.75
C ALA A 73 -0.26 0.48 -1.94
N LEU A 74 0.27 1.29 -1.03
CA LEU A 74 1.38 0.85 -0.19
C LEU A 74 0.95 -0.32 0.70
N THR A 75 -0.30 -0.29 1.17
CA THR A 75 -0.78 -1.37 2.01
C THR A 75 -0.82 -2.68 1.23
N ASN A 76 -0.71 -2.58 -0.10
CA ASN A 76 -0.74 -3.78 -0.93
C ASN A 76 0.64 -4.30 -1.37
N LEU A 77 1.70 -3.73 -0.80
CA LEU A 77 3.05 -4.22 -1.10
C LEU A 77 3.03 -5.64 -0.52
N PRO A 78 3.87 -6.56 -1.04
CA PRO A 78 4.87 -6.45 -2.10
C PRO A 78 4.37 -6.35 -3.55
N HIS A 79 3.07 -6.19 -3.75
CA HIS A 79 2.57 -6.07 -5.11
C HIS A 79 2.98 -4.75 -5.76
N THR A 80 2.90 -4.71 -7.09
CA THR A 80 3.29 -3.53 -7.85
C THR A 80 2.35 -2.32 -7.81
N ASP A 81 1.29 -2.41 -7.00
CA ASP A 81 0.32 -1.31 -6.92
C ASP A 81 0.94 0.08 -6.78
N PHE A 82 1.79 0.26 -5.77
CA PHE A 82 2.42 1.55 -5.52
C PHE A 82 3.17 2.09 -6.73
N THR A 83 3.91 1.22 -7.42
CA THR A 83 4.67 1.63 -8.60
C THR A 83 3.75 2.03 -9.75
N LEU A 84 2.66 1.29 -9.93
CA LEU A 84 1.72 1.59 -11.00
C LEU A 84 1.09 2.96 -10.80
N CYS A 85 0.72 3.27 -9.56
CA CYS A 85 0.13 4.57 -9.24
C CYS A 85 1.10 5.69 -9.59
N LYS A 86 2.38 5.49 -9.25
CA LYS A 86 3.39 6.50 -9.56
C LYS A 86 3.48 6.75 -11.07
N CYS A 87 3.25 5.70 -11.86
CA CYS A 87 3.27 5.82 -13.31
C CYS A 87 2.10 6.69 -13.79
N MSE A 88 1.08 6.83 -12.94
CA MSE A 88 -0.12 7.60 -13.28
C MSE A 88 -0.16 9.02 -12.73
O MSE A 88 -1.19 9.69 -12.84
CB MSE A 88 -1.37 6.86 -12.79
CG MSE A 88 -1.63 5.51 -13.44
SE MSE A 88 -1.88 5.61 -15.36
CE MSE A 88 -2.76 7.33 -15.50
N ILE A 89 0.94 9.48 -12.14
CA ILE A 89 1.02 10.84 -11.60
C ILE A 89 2.25 11.52 -12.19
N ASP A 90 2.05 12.67 -12.83
CA ASP A 90 3.19 13.37 -13.42
C ASP A 90 4.09 14.00 -12.36
N GLN A 91 5.28 14.39 -12.77
CA GLN A 91 6.26 14.98 -11.85
C GLN A 91 5.75 16.17 -11.04
N ALA A 92 5.08 17.10 -11.71
CA ALA A 92 4.56 18.29 -11.03
C ALA A 92 3.68 17.93 -9.83
N HIS A 93 2.78 16.98 -10.02
CA HIS A 93 1.89 16.58 -8.94
C HIS A 93 2.59 15.74 -7.85
N GLN A 94 3.57 14.94 -8.25
CA GLN A 94 4.30 14.12 -7.27
C GLN A 94 5.10 15.03 -6.34
N GLU A 95 5.47 16.20 -6.84
CA GLU A 95 6.26 17.17 -6.08
C GLU A 95 5.45 18.04 -5.14
N GLU A 96 4.13 17.93 -5.19
CA GLU A 96 3.27 18.73 -4.34
C GLU A 96 2.99 18.08 -2.99
N ARG A 97 2.79 18.92 -1.98
CA ARG A 97 2.46 18.45 -0.64
C ARG A 97 1.00 18.00 -0.73
N PRO A 98 0.65 16.88 -0.10
CA PRO A 98 1.53 15.99 0.66
C PRO A 98 1.93 14.77 -0.15
N ILE A 99 1.71 14.83 -1.45
CA ILE A 99 2.05 13.70 -2.32
C ILE A 99 3.55 13.42 -2.25
N ARG A 100 4.34 14.48 -2.20
CA ARG A 100 5.78 14.35 -2.12
C ARG A 100 6.17 13.58 -0.84
N GLN A 101 5.57 13.97 0.28
CA GLN A 101 5.82 13.33 1.57
C GLN A 101 5.40 11.87 1.57
N ILE A 102 4.25 11.57 0.97
CA ILE A 102 3.75 10.21 0.91
C ILE A 102 4.65 9.32 0.07
N LEU A 103 5.15 9.85 -1.05
CA LEU A 103 6.04 9.09 -1.91
C LEU A 103 7.36 8.83 -1.17
N TYR A 104 7.78 9.79 -0.36
CA TYR A 104 9.00 9.65 0.43
C TYR A 104 8.83 8.50 1.41
N LEU A 105 7.67 8.45 2.09
CA LEU A 105 7.37 7.37 3.04
C LEU A 105 7.35 6.03 2.31
N GLY A 106 6.71 6.01 1.14
CA GLY A 106 6.65 4.79 0.35
C GLY A 106 8.04 4.31 0.00
N ASP A 107 8.91 5.26 -0.32
CA ASP A 107 10.30 4.99 -0.69
C ASP A 107 11.01 4.25 0.46
N LEU A 108 10.76 4.69 1.69
CA LEU A 108 11.37 4.05 2.85
C LEU A 108 10.88 2.60 2.94
N LEU A 109 9.61 2.37 2.66
CA LEU A 109 9.07 1.01 2.70
C LEU A 109 9.62 0.14 1.58
N GLU A 110 9.64 0.69 0.36
CA GLU A 110 10.17 -0.05 -0.80
C GLU A 110 11.61 -0.47 -0.59
N THR A 111 12.41 0.43 -0.02
CA THR A 111 13.82 0.16 0.23
C THR A 111 13.97 -0.58 1.55
N CYS A 112 12.84 -0.98 2.12
CA CYS A 112 12.80 -1.73 3.36
C CYS A 112 13.52 -1.13 4.58
N HIS A 113 13.54 0.20 4.69
CA HIS A 113 14.13 0.86 5.85
C HIS A 113 12.93 1.05 6.80
N PHE A 114 12.58 -0.02 7.51
CA PHE A 114 11.44 -0.04 8.40
C PHE A 114 11.55 0.87 9.61
N GLN A 115 12.70 0.89 10.27
CA GLN A 115 12.88 1.75 11.43
C GLN A 115 12.71 3.21 10.98
N ALA A 116 13.35 3.56 9.88
CA ALA A 116 13.27 4.92 9.35
C ALA A 116 11.84 5.26 8.97
N PHE A 117 11.11 4.27 8.48
CA PHE A 117 9.72 4.48 8.09
C PHE A 117 8.88 4.90 9.28
N TRP A 118 8.89 4.07 10.32
CA TRP A 118 8.13 4.37 11.52
C TRP A 118 8.54 5.70 12.15
N GLN A 119 9.83 6.00 12.11
CA GLN A 119 10.31 7.26 12.68
C GLN A 119 9.75 8.44 11.89
N ALA A 120 9.87 8.37 10.57
CA ALA A 120 9.39 9.45 9.70
C ALA A 120 7.88 9.54 9.66
N LEU A 121 7.21 8.46 10.03
CA LEU A 121 5.75 8.43 10.01
C LEU A 121 5.11 9.25 11.11
N ASP A 122 4.50 10.37 10.73
CA ASP A 122 3.82 11.23 11.68
C ASP A 122 2.57 10.44 12.10
N GLU A 123 2.73 9.62 13.12
CA GLU A 123 1.65 8.78 13.62
C GLU A 123 0.28 9.44 13.70
N ASN A 124 0.25 10.71 14.09
CA ASN A 124 -1.00 11.47 14.22
C ASN A 124 -1.41 12.18 12.93
N MSE A 125 -0.84 11.73 11.81
CA MSE A 125 -1.14 12.30 10.50
C MSE A 125 -2.62 12.17 10.14
O MSE A 125 -3.19 11.08 10.22
CB MSE A 125 -0.29 11.61 9.44
CG MSE A 125 -0.56 12.06 8.02
SE MSE A 125 0.57 11.17 6.73
CE MSE A 125 1.93 12.52 6.55
N ASP A 126 -3.23 13.28 9.74
CA ASP A 126 -4.64 13.32 9.38
C ASP A 126 -5.10 12.26 8.39
N LEU A 127 -4.43 12.18 7.25
CA LEU A 127 -4.79 11.22 6.21
C LEU A 127 -4.82 9.76 6.66
N LEU A 128 -4.03 9.44 7.68
CA LEU A 128 -3.97 8.06 8.17
C LEU A 128 -5.16 7.64 9.02
N GLU A 129 -5.74 8.60 9.73
CA GLU A 129 -6.88 8.32 10.59
C GLU A 129 -8.04 7.58 9.93
N GLY A 130 -8.38 7.98 8.70
CA GLY A 130 -9.49 7.34 8.01
C GLY A 130 -9.14 6.04 7.30
N ILE A 131 -7.85 5.78 7.12
CA ILE A 131 -7.40 4.58 6.43
C ILE A 131 -7.30 3.39 7.39
N THR A 132 -8.44 2.73 7.60
CA THR A 132 -8.54 1.58 8.49
C THR A 132 -7.51 0.49 8.22
N GLY A 133 -6.85 0.05 9.29
CA GLY A 133 -5.85 -1.00 9.20
C GLY A 133 -4.56 -0.65 8.50
N PHE A 134 -4.33 0.62 8.18
CA PHE A 134 -3.12 1.02 7.49
C PHE A 134 -1.84 0.51 8.15
N GLU A 135 -1.70 0.76 9.45
CA GLU A 135 -0.52 0.35 10.18
C GLU A 135 -0.30 -1.17 10.19
N ASP A 136 -1.37 -1.94 10.37
CA ASP A 136 -1.24 -3.39 10.40
C ASP A 136 -0.93 -3.94 9.00
N SER A 137 -1.46 -3.28 7.97
CA SER A 137 -1.19 -3.73 6.61
C SER A 137 0.29 -3.58 6.33
N VAL A 138 0.87 -2.47 6.77
CA VAL A 138 2.30 -2.23 6.59
C VAL A 138 3.07 -3.33 7.29
N ARG A 139 2.62 -3.73 8.48
CA ARG A 139 3.27 -4.79 9.24
C ARG A 139 3.25 -6.12 8.50
N LYS A 140 2.18 -6.39 7.76
CA LYS A 140 2.10 -7.63 7.01
C LYS A 140 3.20 -7.66 5.97
N PHE A 141 3.45 -6.51 5.33
CA PHE A 141 4.49 -6.44 4.32
C PHE A 141 5.83 -6.67 4.99
N ILE A 142 6.04 -6.03 6.14
CA ILE A 142 7.30 -6.18 6.87
C ILE A 142 7.54 -7.64 7.26
N CYS A 143 6.49 -8.33 7.70
CA CYS A 143 6.64 -9.73 8.07
C CYS A 143 6.89 -10.58 6.82
N HIS A 144 6.40 -10.11 5.67
CA HIS A 144 6.63 -10.82 4.41
C HIS A 144 8.12 -10.75 4.12
N VAL A 145 8.70 -9.56 4.29
CA VAL A 145 10.12 -9.35 4.04
C VAL A 145 10.95 -10.11 5.07
N VAL A 146 10.55 -10.05 6.33
CA VAL A 146 11.27 -10.74 7.38
C VAL A 146 11.30 -12.26 7.14
N GLY A 147 10.17 -12.82 6.73
CA GLY A 147 10.11 -14.25 6.47
C GLY A 147 11.04 -14.69 5.36
N ILE A 148 11.43 -13.73 4.51
CA ILE A 148 12.32 -13.99 3.38
C ILE A 148 13.79 -13.69 3.66
N THR A 149 14.05 -12.70 4.50
CA THR A 149 15.42 -12.28 4.76
C THR A 149 16.08 -12.68 6.07
N TYR A 150 15.35 -13.34 6.97
CA TYR A 150 15.94 -13.76 8.23
C TYR A 150 15.75 -15.25 8.49
N GLN A 151 16.70 -15.83 9.19
CA GLN A 151 16.64 -17.24 9.59
C GLN A 151 16.20 -17.16 11.04
N HIS A 152 16.88 -16.29 11.79
CA HIS A 152 16.62 -16.03 13.20
C HIS A 152 16.65 -14.51 13.36
N ILE A 153 15.91 -13.99 14.33
CA ILE A 153 15.91 -12.55 14.56
C ILE A 153 15.62 -12.19 16.02
N ASP A 154 16.37 -11.21 16.53
CA ASP A 154 16.20 -10.76 17.91
C ASP A 154 14.76 -10.31 18.15
N ARG A 155 14.21 -10.72 19.29
CA ARG A 155 12.84 -10.38 19.66
C ARG A 155 12.65 -8.88 19.71
N TRP A 156 13.63 -8.18 20.31
CA TRP A 156 13.58 -6.73 20.43
C TRP A 156 13.62 -6.05 19.07
N LEU A 157 14.44 -6.59 18.17
CA LEU A 157 14.58 -6.03 16.82
C LEU A 157 13.30 -6.15 16.01
N LEU A 158 12.64 -7.29 16.07
CA LEU A 158 11.40 -7.49 15.34
C LEU A 158 10.33 -6.50 15.79
N ALA A 159 10.21 -6.29 17.10
CA ALA A 159 9.22 -5.36 17.64
C ALA A 159 9.50 -3.93 17.17
N GLU A 160 10.79 -3.59 17.05
CA GLU A 160 11.19 -2.26 16.59
C GLU A 160 10.75 -2.10 15.13
N MSE A 161 11.11 -3.07 14.31
CA MSE A 161 10.78 -3.05 12.90
C MSE A 161 9.27 -3.03 12.64
O MSE A 161 8.83 -2.55 11.59
CB MSE A 161 11.40 -4.27 12.21
CG MSE A 161 12.89 -4.15 11.99
SE MSE A 161 13.66 -5.79 11.35
CE MSE A 161 12.69 -5.96 9.70
N LEU A 162 8.49 -3.55 13.58
CA LEU A 162 7.05 -3.57 13.42
C LEU A 162 6.39 -2.31 13.99
N GLY A 163 7.22 -1.35 14.39
CA GLY A 163 6.69 -0.10 14.90
C GLY A 163 6.74 0.05 16.41
N ASP A 164 7.80 -0.47 17.04
CA ASP A 164 7.96 -0.36 18.48
C ASP A 164 6.75 -0.93 19.23
N LEU A 165 6.53 -2.23 19.08
CA LEU A 165 5.40 -2.90 19.72
C LEU A 165 5.73 -3.36 21.13
N SER A 166 4.68 -3.53 21.95
CA SER A 166 4.87 -4.03 23.31
C SER A 166 5.11 -5.51 23.09
N ASP A 167 5.54 -6.23 24.12
CA ASP A 167 5.77 -7.66 23.94
C ASP A 167 4.46 -8.34 23.58
N SER A 168 3.36 -7.85 24.16
CA SER A 168 2.05 -8.43 23.91
C SER A 168 1.64 -8.26 22.44
N GLN A 169 1.90 -7.09 21.87
CA GLN A 169 1.53 -6.84 20.48
C GLN A 169 2.41 -7.66 19.54
N LEU A 170 3.69 -7.77 19.88
CA LEU A 170 4.63 -8.55 19.08
C LEU A 170 4.12 -9.98 18.99
N LYS A 171 3.66 -10.52 20.11
CA LYS A 171 3.14 -11.87 20.20
C LYS A 171 2.05 -12.12 19.18
N VAL A 172 1.24 -11.09 18.92
CA VAL A 172 0.16 -11.20 17.96
C VAL A 172 0.72 -11.52 16.57
N TRP A 173 1.77 -10.80 16.17
CA TRP A 173 2.35 -11.04 14.85
C TRP A 173 3.15 -12.32 14.74
N MSE A 174 3.80 -12.73 15.83
CA MSE A 174 4.56 -13.97 15.81
C MSE A 174 3.55 -15.11 15.63
O MSE A 174 3.78 -16.05 14.87
CB MSE A 174 5.33 -14.16 17.11
CG MSE A 174 6.54 -13.26 17.25
SE MSE A 174 7.32 -13.37 19.02
CE MSE A 174 7.73 -15.27 19.04
N SER A 175 2.43 -14.99 16.33
CA SER A 175 1.37 -15.99 16.28
C SER A 175 0.78 -16.06 14.87
N LYS A 176 0.61 -14.90 14.25
CA LYS A 176 0.03 -14.86 12.91
C LYS A 176 0.84 -15.59 11.85
N TYR A 177 2.18 -15.57 11.95
CA TYR A 177 3.01 -16.24 10.96
C TYR A 177 3.67 -17.52 11.46
N GLY A 178 3.26 -17.97 12.64
CA GLY A 178 3.81 -19.19 13.20
C GLY A 178 5.26 -19.12 13.64
N TRP A 179 5.71 -17.95 14.09
CA TRP A 179 7.09 -17.82 14.56
C TRP A 179 7.14 -18.06 16.07
N SER A 180 8.18 -18.74 16.53
CA SER A 180 8.32 -19.03 17.96
C SER A 180 9.74 -18.76 18.47
N ALA A 181 9.84 -18.33 19.72
CA ALA A 181 11.12 -18.04 20.33
C ALA A 181 11.86 -19.34 20.66
N ASP A 182 13.16 -19.35 20.42
CA ASP A 182 13.98 -20.52 20.70
C ASP A 182 14.93 -20.21 21.85
N GLU A 183 16.05 -19.57 21.54
CA GLU A 183 17.04 -19.21 22.54
C GLU A 183 17.12 -17.71 22.75
N GLN A 186 16.22 -16.06 20.60
CA GLN A 186 15.83 -15.49 19.32
C GLN A 186 14.58 -16.15 18.75
N ILE A 187 13.94 -15.46 17.83
CA ILE A 187 12.72 -15.95 17.20
C ILE A 187 13.06 -16.75 15.93
N PHE A 188 12.61 -18.00 15.88
CA PHE A 188 12.87 -18.82 14.72
C PHE A 188 11.97 -18.35 13.57
N ILE A 189 12.59 -18.02 12.45
CA ILE A 189 11.85 -17.55 11.29
C ILE A 189 11.94 -18.58 10.17
N CYS A 190 13.17 -18.88 9.76
CA CYS A 190 13.38 -19.81 8.65
C CYS A 190 14.66 -20.63 8.83
N SER A 191 14.66 -21.85 8.28
CA SER A 191 15.83 -22.70 8.36
C SER A 191 16.79 -22.17 7.31
N GLN A 192 18.07 -22.51 7.41
CA GLN A 192 19.04 -22.01 6.44
C GLN A 192 18.82 -22.57 5.03
N GLU A 193 18.55 -23.86 4.93
CA GLU A 193 18.34 -24.49 3.63
C GLU A 193 17.12 -23.90 2.91
N GLU A 194 16.18 -23.37 3.68
CA GLU A 194 14.98 -22.76 3.12
C GLU A 194 15.24 -21.31 2.75
N SER A 195 16.06 -20.64 3.57
CA SER A 195 16.39 -19.24 3.35
C SER A 195 17.25 -18.94 2.13
N ILE A 196 18.05 -19.91 1.70
CA ILE A 196 18.92 -19.70 0.53
C ILE A 196 18.15 -19.62 -0.78
N LYS A 197 16.90 -20.06 -0.77
CA LYS A 197 16.09 -20.01 -1.98
C LYS A 197 15.81 -18.56 -2.33
N PRO A 198 16.00 -18.19 -3.61
CA PRO A 198 15.76 -16.81 -4.01
C PRO A 198 14.27 -16.50 -4.10
N LYS A 199 13.82 -15.52 -3.31
CA LYS A 199 12.42 -15.11 -3.29
C LYS A 199 12.42 -13.58 -3.41
N ASN A 200 11.70 -13.05 -4.39
CA ASN A 200 11.65 -11.60 -4.58
C ASN A 200 10.97 -10.92 -3.41
N ILE A 201 11.56 -9.84 -2.94
CA ILE A 201 11.01 -9.07 -1.82
C ILE A 201 9.79 -8.28 -2.28
N VAL A 202 9.85 -7.73 -3.48
CA VAL A 202 8.73 -6.98 -4.05
C VAL A 202 8.52 -7.48 -5.48
N GLU A 203 7.28 -7.40 -5.95
CA GLU A 203 6.96 -7.84 -7.30
C GLU A 203 7.53 -6.83 -8.29
N LYS A 204 7.81 -7.28 -9.51
CA LYS A 204 8.37 -6.40 -10.53
C LYS A 204 7.36 -6.03 -11.60
N ILE A 205 7.42 -4.79 -12.07
CA ILE A 205 6.52 -4.39 -13.14
C ILE A 205 7.16 -4.88 -14.42
N ASP A 206 6.39 -4.85 -15.51
CA ASP A 206 6.90 -5.29 -16.80
C ASP A 206 6.11 -4.60 -17.90
N PHE A 207 6.55 -4.82 -19.14
CA PHE A 207 5.92 -4.22 -20.30
C PHE A 207 4.41 -4.43 -20.36
N ASP A 208 3.98 -5.66 -20.11
CA ASP A 208 2.56 -6.01 -20.16
C ASP A 208 1.73 -5.19 -19.17
N SER A 209 2.07 -5.26 -17.89
CA SER A 209 1.32 -4.54 -16.88
C SER A 209 1.36 -3.02 -17.12
N VAL A 210 2.53 -2.50 -17.46
CA VAL A 210 2.65 -1.06 -17.69
C VAL A 210 1.93 -0.59 -18.96
N SER A 211 2.17 -1.28 -20.08
CA SER A 211 1.52 -0.88 -21.33
C SER A 211 0.00 -0.92 -21.17
N SER A 212 -0.46 -1.82 -20.31
CA SER A 212 -1.88 -1.95 -20.03
C SER A 212 -2.48 -0.64 -19.50
N ILE A 213 -1.86 -0.08 -18.47
CA ILE A 213 -2.35 1.16 -17.88
C ILE A 213 -2.02 2.39 -18.72
N MSE A 214 -0.98 2.29 -19.54
CA MSE A 214 -0.57 3.40 -20.39
C MSE A 214 -1.40 3.50 -21.66
O MSE A 214 -1.46 4.56 -22.29
CB MSE A 214 0.91 3.28 -20.76
CG MSE A 214 1.86 3.57 -19.61
SE MSE A 214 1.57 5.32 -18.85
CE MSE A 214 0.98 4.80 -17.10
N ALA A 215 -2.04 2.40 -22.04
CA ALA A 215 -2.86 2.34 -23.24
C ALA A 215 -3.68 3.62 -23.45
N SER A 216 -4.66 3.83 -22.59
CA SER A 216 -5.52 5.01 -22.68
C SER A 216 -4.67 6.29 -22.67
S SO4 B . -7.40 1.90 12.40
O1 SO4 B . -6.81 0.44 11.99
O2 SO4 B . -7.11 2.75 11.26
O3 SO4 B . -8.67 1.81 12.66
O4 SO4 B . -6.55 2.29 13.50
#